data_4G6X
#
_entry.id   4G6X
#
_cell.length_a   61.969
_cell.length_b   61.969
_cell.length_c   77.842
_cell.angle_alpha   90.00
_cell.angle_beta   90.00
_cell.angle_gamma   90.00
#
_symmetry.space_group_name_H-M   'P 43 2 2'
#
loop_
_entity.id
_entity.type
_entity.pdbx_description
1 polymer 'Glyoxalase/bleomycin resistance protein/dioxygenase'
2 non-polymer GLYCEROL
3 water water
#
_entity_poly.entity_id   1
_entity_poly.type   'polypeptide(L)'
_entity_poly.pdbx_seq_one_letter_code
;(MSE)HHHHHHSSGVDLGTENLYFQSNA(MSE)RIHLTNVFVDDQAKAESFYTGKLGFLVKADVPVGADRWLTVVSPEAP
DGTQLLLEPSSHAAVTPFKEALVADGIPAASFAVDDIAAEYERLSALGVRFTQEPTD(MSE)GPVVTAILDDTCGNLIQL
(MSE)QIAYDG
;
_entity_poly.pdbx_strand_id   A
#
loop_
_chem_comp.id
_chem_comp.type
_chem_comp.name
_chem_comp.formula
GOL non-polymer GLYCEROL 'C3 H8 O3'
#
# COMPACT_ATOMS: atom_id res chain seq x y z
N ASN A 23 27.26 0.79 -9.67
CA ASN A 23 27.06 2.17 -10.24
C ASN A 23 25.62 2.47 -10.78
N ALA A 24 25.00 1.45 -11.39
CA ALA A 24 23.66 1.57 -12.01
C ALA A 24 22.63 2.05 -11.02
N MSE A 25 21.60 2.74 -11.51
CA MSE A 25 20.57 3.14 -10.62
C MSE A 25 19.67 1.98 -10.17
O MSE A 25 19.36 1.04 -10.91
CB MSE A 25 19.83 4.34 -11.19
CG MSE A 25 19.09 4.05 -12.44
SE MSE A 25 18.42 5.85 -12.99
CE MSE A 25 19.98 6.77 -13.55
N ARG A 26 19.26 2.09 -8.93
CA ARG A 26 18.47 1.07 -8.25
C ARG A 26 17.06 1.55 -7.97
N ILE A 27 16.13 0.62 -8.08
CA ILE A 27 14.72 0.85 -7.73
C ILE A 27 14.48 0.59 -6.23
N HIS A 28 14.81 1.58 -5.44
CA HIS A 28 14.92 1.45 -3.99
C HIS A 28 13.69 1.99 -3.28
N LEU A 29 12.88 2.78 -3.98
CA LEU A 29 11.76 3.44 -3.35
C LEU A 29 10.49 3.54 -4.22
N THR A 30 9.36 3.35 -3.57
CA THR A 30 8.06 3.60 -4.20
C THR A 30 7.22 4.33 -3.18
N ASN A 31 6.08 4.88 -3.62
CA ASN A 31 5.29 5.75 -2.73
C ASN A 31 3.81 5.55 -2.87
N VAL A 32 3.10 5.76 -1.78
CA VAL A 32 1.66 5.96 -1.83
C VAL A 32 1.37 7.28 -1.09
N PHE A 33 0.40 8.05 -1.61
CA PHE A 33 -0.06 9.24 -0.98
C PHE A 33 -1.17 8.94 -0.02
N VAL A 34 -0.94 9.24 1.24
CA VAL A 34 -1.91 8.92 2.31
C VAL A 34 -2.49 10.21 2.87
N ASP A 35 -3.77 10.14 3.25
CA ASP A 35 -4.39 11.31 3.85
C ASP A 35 -3.85 11.69 5.25
N ASP A 36 -3.48 10.70 6.07
CA ASP A 36 -3.11 10.92 7.48
C ASP A 36 -2.01 9.91 7.75
N GLN A 37 -0.79 10.39 7.98
CA GLN A 37 0.34 9.44 8.19
C GLN A 37 0.22 8.55 9.39
N ALA A 38 -0.35 9.02 10.49
CA ALA A 38 -0.56 8.17 11.66
C ALA A 38 -1.51 7.03 11.36
N LYS A 39 -2.64 7.34 10.69
CA LYS A 39 -3.52 6.28 10.25
C LYS A 39 -2.81 5.28 9.32
N ALA A 40 -2.01 5.81 8.40
CA ALA A 40 -1.32 4.97 7.44
C ALA A 40 -0.30 4.05 8.15
N GLU A 41 0.44 4.62 9.09
CA GLU A 41 1.40 3.79 9.84
C GLU A 41 0.68 2.59 10.48
N SER A 42 -0.42 2.92 11.17
CA SER A 42 -1.25 1.92 11.85
C SER A 42 -1.77 0.85 10.90
N PHE A 43 -2.30 1.26 9.74
CA PHE A 43 -2.83 0.32 8.77
C PHE A 43 -1.79 -0.55 8.04
N TYR A 44 -0.73 0.10 7.56
CA TYR A 44 0.24 -0.57 6.74
C TYR A 44 1.06 -1.53 7.59
N THR A 45 1.36 -1.14 8.82
CA THR A 45 2.06 -2.05 9.75
C THR A 45 1.14 -3.02 10.46
N GLY A 46 0.05 -2.51 11.03
CA GLY A 46 -0.83 -3.31 11.87
C GLY A 46 -1.68 -4.33 11.15
N LYS A 47 -2.12 -3.97 9.97
CA LYS A 47 -2.95 -4.85 9.14
C LYS A 47 -2.14 -5.54 8.06
N LEU A 48 -1.46 -4.77 7.19
CA LEU A 48 -0.80 -5.34 6.05
C LEU A 48 0.51 -6.09 6.41
N GLY A 49 1.09 -5.79 7.55
CA GLY A 49 2.28 -6.47 8.03
C GLY A 49 3.63 -5.91 7.64
N PHE A 50 3.64 -4.75 7.01
CA PHE A 50 4.90 -4.05 6.82
C PHE A 50 5.57 -3.60 8.14
N LEU A 51 6.86 -3.40 8.09
CA LEU A 51 7.64 -2.93 9.23
C LEU A 51 8.11 -1.51 8.98
N VAL A 52 8.12 -0.70 10.03
CA VAL A 52 8.69 0.67 9.86
C VAL A 52 10.21 0.59 9.63
N LYS A 53 10.71 1.26 8.60
CA LYS A 53 12.10 1.32 8.27
C LYS A 53 12.69 2.65 8.70
N ALA A 54 12.11 3.74 8.27
CA ALA A 54 12.54 5.05 8.68
C ALA A 54 11.30 5.89 9.08
N ASP A 55 11.49 6.63 10.17
CA ASP A 55 10.51 7.63 10.62
C ASP A 55 11.24 8.83 11.14
N VAL A 56 11.31 9.91 10.34
CA VAL A 56 12.14 11.05 10.64
C VAL A 56 11.30 12.30 10.44
N PRO A 57 11.39 13.26 11.36
CA PRO A 57 10.54 14.45 11.12
C PRO A 57 11.12 15.32 10.05
N VAL A 58 10.25 15.87 9.22
CA VAL A 58 10.71 16.84 8.25
C VAL A 58 9.57 17.88 8.15
N GLY A 59 9.89 19.05 8.71
CA GLY A 59 8.89 20.03 9.13
C GLY A 59 7.76 19.40 9.92
N ALA A 60 6.52 19.63 9.50
CA ALA A 60 5.33 19.20 10.25
C ALA A 60 4.92 17.80 9.90
N ASP A 61 5.54 17.23 8.86
CA ASP A 61 5.23 15.84 8.49
C ASP A 61 6.49 14.99 8.74
N ARG A 62 6.36 13.74 8.37
CA ARG A 62 7.40 12.79 8.51
C ARG A 62 7.82 12.22 7.21
N TRP A 63 9.13 11.87 7.14
CA TRP A 63 9.58 10.92 6.17
C TRP A 63 9.39 9.58 6.80
N LEU A 64 8.41 8.83 6.29
CA LEU A 64 8.00 7.56 6.87
C LEU A 64 8.02 6.49 5.79
N THR A 65 8.91 5.50 5.94
CA THR A 65 8.93 4.42 5.00
C THR A 65 8.72 3.12 5.76
N VAL A 66 8.16 2.16 5.04
CA VAL A 66 8.04 0.77 5.51
C VAL A 66 8.65 -0.23 4.54
N VAL A 67 8.92 -1.46 5.03
CA VAL A 67 9.52 -2.49 4.21
C VAL A 67 8.79 -3.80 4.51
N SER A 68 8.88 -4.73 3.58
CA SER A 68 8.35 -6.09 3.80
C SER A 68 9.28 -6.82 4.77
N PRO A 69 8.69 -7.61 5.68
CA PRO A 69 9.54 -8.42 6.59
C PRO A 69 10.41 -9.39 5.81
N GLU A 70 9.93 -9.85 4.66
CA GLU A 70 10.74 -10.79 3.83
C GLU A 70 11.99 -10.10 3.28
N ALA A 71 11.93 -8.76 3.14
CA ALA A 71 13.03 -8.00 2.53
C ALA A 71 13.30 -6.66 3.22
N PRO A 72 13.79 -6.70 4.47
CA PRO A 72 13.98 -5.47 5.25
C PRO A 72 15.00 -4.51 4.70
N ASP A 73 15.94 -4.99 3.89
CA ASP A 73 16.90 -4.12 3.28
C ASP A 73 16.61 -3.93 1.82
N GLY A 74 15.39 -4.27 1.38
CA GLY A 74 15.02 -4.09 -0.03
C GLY A 74 14.27 -2.78 -0.23
N THR A 75 13.37 -2.78 -1.21
CA THR A 75 12.67 -1.59 -1.63
C THR A 75 11.84 -1.11 -0.49
N GLN A 76 11.78 0.20 -0.31
CA GLN A 76 11.01 0.85 0.74
C GLN A 76 9.76 1.52 0.13
N LEU A 77 8.68 1.52 0.89
CA LEU A 77 7.44 2.23 0.54
C LEU A 77 7.31 3.45 1.42
N LEU A 78 7.22 4.62 0.76
CA LEU A 78 7.08 5.90 1.43
C LEU A 78 5.60 6.19 1.56
N LEU A 79 5.16 6.47 2.78
CA LEU A 79 3.77 6.79 3.10
C LEU A 79 3.69 8.29 3.19
N GLU A 80 3.47 8.95 2.05
CA GLU A 80 3.67 10.42 2.05
C GLU A 80 2.40 11.23 2.09
N PRO A 81 2.47 12.44 2.66
CA PRO A 81 1.28 13.25 2.80
C PRO A 81 0.65 13.62 1.47
N SER A 82 -0.64 13.89 1.51
CA SER A 82 -1.44 14.26 0.32
C SER A 82 -1.79 15.73 0.31
N SER A 83 -0.93 16.60 0.83
CA SER A 83 -1.29 18.00 1.03
C SER A 83 -1.13 18.82 -0.22
N HIS A 84 -0.32 18.38 -1.19
CA HIS A 84 -0.24 19.10 -2.46
C HIS A 84 -1.57 19.14 -3.14
N ALA A 85 -1.96 20.29 -3.67
CA ALA A 85 -3.33 20.49 -4.21
C ALA A 85 -3.77 19.52 -5.30
N ALA A 86 -2.82 18.98 -6.07
CA ALA A 86 -3.18 18.06 -7.14
C ALA A 86 -3.35 16.59 -6.75
N VAL A 87 -2.93 16.27 -5.54
CA VAL A 87 -2.89 14.88 -5.08
C VAL A 87 -4.28 14.29 -4.82
N THR A 88 -5.05 14.92 -3.96
CA THR A 88 -6.33 14.28 -3.58
C THR A 88 -7.28 14.12 -4.79
N PRO A 89 -7.36 15.13 -5.68
CA PRO A 89 -8.19 14.93 -6.88
C PRO A 89 -7.79 13.74 -7.73
N PHE A 90 -6.48 13.53 -7.86
CA PHE A 90 -5.94 12.38 -8.57
C PHE A 90 -6.32 11.06 -7.88
N LYS A 91 -6.10 10.98 -6.58
CA LYS A 91 -6.47 9.79 -5.81
C LYS A 91 -7.94 9.48 -5.97
N GLU A 92 -8.74 10.51 -5.84
CA GLU A 92 -10.20 10.31 -5.94
C GLU A 92 -10.61 9.77 -7.30
N ALA A 93 -9.97 10.26 -8.34
CA ALA A 93 -10.24 9.78 -9.66
C ALA A 93 -9.89 8.32 -9.87
N LEU A 94 -8.79 7.90 -9.29
CA LEU A 94 -8.39 6.51 -9.38
C LEU A 94 -9.42 5.64 -8.67
N VAL A 95 -9.76 6.04 -7.44
CA VAL A 95 -10.69 5.20 -6.65
C VAL A 95 -12.04 5.10 -7.36
N ALA A 96 -12.50 6.22 -7.94
CA ALA A 96 -13.82 6.26 -8.62
C ALA A 96 -13.87 5.25 -9.75
N ASP A 97 -12.73 4.96 -10.40
CA ASP A 97 -12.69 4.01 -11.49
C ASP A 97 -12.14 2.65 -11.07
N GLY A 98 -11.96 2.42 -9.77
CA GLY A 98 -11.49 1.11 -9.28
C GLY A 98 -10.04 0.83 -9.55
N ILE A 99 -9.28 1.88 -9.79
CA ILE A 99 -7.89 1.74 -10.16
C ILE A 99 -6.96 1.82 -8.95
N PRO A 100 -6.18 0.79 -8.71
CA PRO A 100 -5.26 0.77 -7.56
C PRO A 100 -4.05 1.68 -7.74
N ALA A 101 -3.66 2.31 -6.65
CA ALA A 101 -2.53 3.21 -6.60
C ALA A 101 -1.23 2.47 -6.54
N ALA A 102 -1.30 1.25 -6.06
CA ALA A 102 -0.10 0.45 -5.91
C ALA A 102 -0.48 -1.01 -5.85
N SER A 103 0.50 -1.87 -6.15
N SER A 103 0.55 -1.83 -6.03
CA SER A 103 0.28 -3.32 -6.16
CA SER A 103 0.36 -3.25 -6.06
C SER A 103 1.43 -4.06 -5.47
C SER A 103 1.44 -3.90 -5.22
N PHE A 104 1.07 -5.02 -4.60
CA PHE A 104 2.04 -5.85 -3.80
C PHE A 104 1.85 -7.29 -4.15
N ALA A 105 2.95 -8.05 -4.11
CA ALA A 105 2.92 -9.47 -4.48
C ALA A 105 2.77 -10.37 -3.27
N VAL A 106 2.01 -11.45 -3.41
CA VAL A 106 1.93 -12.44 -2.33
C VAL A 106 2.01 -13.83 -2.95
N ASP A 107 2.45 -14.80 -2.14
CA ASP A 107 2.53 -16.19 -2.56
C ASP A 107 1.17 -16.89 -2.62
N ASP A 108 0.25 -16.56 -1.68
CA ASP A 108 -1.06 -17.21 -1.57
C ASP A 108 -2.11 -16.16 -1.27
N ILE A 109 -2.77 -15.68 -2.32
CA ILE A 109 -3.73 -14.58 -2.21
C ILE A 109 -5.00 -14.99 -1.48
N ALA A 110 -5.38 -16.25 -1.61
CA ALA A 110 -6.53 -16.76 -0.87
C ALA A 110 -6.32 -16.61 0.62
N ALA A 111 -5.16 -17.06 1.07
CA ALA A 111 -4.77 -17.03 2.47
C ALA A 111 -4.72 -15.60 2.94
N GLU A 112 -4.09 -14.74 2.15
CA GLU A 112 -3.94 -13.36 2.57
C GLU A 112 -5.29 -12.59 2.60
N TYR A 113 -6.13 -12.81 1.58
CA TYR A 113 -7.51 -12.31 1.60
C TYR A 113 -8.23 -12.70 2.88
N GLU A 114 -8.06 -13.95 3.28
CA GLU A 114 -8.75 -14.47 4.46
C GLU A 114 -8.18 -13.82 5.71
N ARG A 115 -6.85 -13.69 5.76
CA ARG A 115 -6.21 -13.10 6.93
C ARG A 115 -6.62 -11.64 7.11
N LEU A 116 -6.51 -10.91 6.01
CA LEU A 116 -6.77 -9.48 6.06
C LEU A 116 -8.25 -9.24 6.33
N SER A 117 -9.12 -10.02 5.69
CA SER A 117 -10.57 -9.90 5.94
C SER A 117 -10.87 -10.07 7.41
N ALA A 118 -10.18 -11.04 8.03
CA ALA A 118 -10.37 -11.32 9.46
C ALA A 118 -9.97 -10.14 10.35
N LEU A 119 -9.02 -9.31 9.87
CA LEU A 119 -8.53 -8.16 10.59
C LEU A 119 -9.36 -6.89 10.30
N GLY A 120 -10.39 -7.05 9.47
CA GLY A 120 -11.39 -6.00 9.22
C GLY A 120 -10.95 -5.12 8.08
N VAL A 121 -10.11 -5.66 7.18
CA VAL A 121 -9.74 -4.93 5.95
C VAL A 121 -10.88 -5.06 4.95
N ARG A 122 -11.22 -3.97 4.29
CA ARG A 122 -12.28 -3.96 3.34
C ARG A 122 -11.76 -4.26 1.93
N PHE A 123 -12.33 -5.26 1.28
CA PHE A 123 -11.99 -5.53 -0.12
C PHE A 123 -13.09 -5.05 -1.06
N THR A 124 -12.67 -4.36 -2.13
CA THR A 124 -13.56 -3.96 -3.23
C THR A 124 -13.60 -4.99 -4.36
N GLN A 125 -12.57 -5.82 -4.44
CA GLN A 125 -12.53 -6.97 -5.34
C GLN A 125 -11.91 -8.15 -4.63
N GLU A 126 -12.70 -9.23 -4.55
CA GLU A 126 -12.24 -10.51 -4.02
C GLU A 126 -11.23 -11.14 -4.98
N PRO A 127 -10.44 -12.15 -4.50
CA PRO A 127 -9.45 -12.81 -5.37
C PRO A 127 -10.08 -13.30 -6.65
N THR A 128 -9.56 -12.86 -7.78
CA THR A 128 -10.15 -13.16 -9.06
C THR A 128 -9.09 -13.56 -10.04
N ASP A 129 -9.35 -14.66 -10.73
CA ASP A 129 -8.39 -15.20 -11.68
C ASP A 129 -8.37 -14.29 -12.93
N MSE A 130 -7.21 -13.71 -13.24
CA MSE A 130 -7.09 -12.80 -14.40
C MSE A 130 -6.24 -13.41 -15.49
O MSE A 130 -5.79 -12.70 -16.39
CB MSE A 130 -6.52 -11.43 -13.99
CG MSE A 130 -7.21 -10.75 -12.79
SE MSE A 130 -8.92 -9.89 -13.31
CE MSE A 130 -9.32 -8.75 -11.77
N GLY A 131 -6.01 -14.73 -15.45
CA GLY A 131 -5.17 -15.36 -16.45
C GLY A 131 -3.80 -15.64 -15.88
N PRO A 132 -2.80 -14.80 -16.21
CA PRO A 132 -1.44 -14.98 -15.69
C PRO A 132 -1.33 -14.66 -14.20
N VAL A 133 -2.25 -13.85 -13.66
CA VAL A 133 -2.24 -13.50 -12.24
C VAL A 133 -3.63 -13.61 -11.67
N VAL A 134 -3.67 -13.88 -10.37
CA VAL A 134 -4.88 -13.78 -9.56
C VAL A 134 -4.72 -12.50 -8.75
N THR A 135 -5.76 -11.67 -8.73
CA THR A 135 -5.66 -10.35 -8.06
C THR A 135 -6.81 -10.16 -7.07
N ALA A 136 -6.58 -9.26 -6.12
CA ALA A 136 -7.62 -8.75 -5.21
C ALA A 136 -7.35 -7.27 -4.97
N ILE A 137 -8.39 -6.52 -4.61
CA ILE A 137 -8.23 -5.08 -4.40
C ILE A 137 -8.83 -4.71 -3.04
N LEU A 138 -8.02 -4.01 -2.24
CA LEU A 138 -8.42 -3.57 -0.91
C LEU A 138 -8.36 -2.05 -0.74
N ASP A 139 -9.16 -1.57 0.22
CA ASP A 139 -9.19 -0.14 0.62
C ASP A 139 -8.15 0.06 1.75
N ASP A 140 -7.16 0.93 1.52
CA ASP A 140 -6.15 1.17 2.55
C ASP A 140 -6.57 2.09 3.69
N THR A 141 -7.82 2.61 3.66
CA THR A 141 -8.38 3.57 4.60
C THR A 141 -7.88 5.00 4.44
N CYS A 142 -6.87 5.16 3.59
CA CYS A 142 -6.09 6.39 3.44
C CYS A 142 -6.36 7.13 2.11
N GLY A 143 -7.40 6.74 1.37
CA GLY A 143 -7.75 7.29 0.09
C GLY A 143 -7.27 6.53 -1.14
N ASN A 144 -6.71 5.33 -0.95
CA ASN A 144 -6.22 4.48 -2.05
C ASN A 144 -6.85 3.09 -2.09
N LEU A 145 -6.90 2.54 -3.29
CA LEU A 145 -7.13 1.11 -3.48
C LEU A 145 -5.75 0.50 -3.68
N ILE A 146 -5.58 -0.72 -3.19
CA ILE A 146 -4.28 -1.38 -3.18
C ILE A 146 -4.54 -2.73 -3.77
N GLN A 147 -3.76 -3.10 -4.77
CA GLN A 147 -3.88 -4.42 -5.37
C GLN A 147 -2.89 -5.43 -4.76
N LEU A 148 -3.42 -6.61 -4.47
CA LEU A 148 -2.65 -7.83 -4.24
C LEU A 148 -2.61 -8.69 -5.49
N MSE A 149 -1.43 -9.18 -5.79
CA MSE A 149 -1.19 -9.95 -7.01
C MSE A 149 -0.53 -11.26 -6.67
O MSE A 149 0.56 -11.29 -6.06
CB MSE A 149 -0.21 -9.27 -7.96
CG MSE A 149 -0.69 -7.90 -8.51
SE MSE A 149 0.52 -7.03 -9.86
CE MSE A 149 0.79 -8.75 -10.74
N GLN A 150 -1.10 -12.35 -7.17
CA GLN A 150 -0.52 -13.64 -6.79
C GLN A 150 0.60 -14.04 -7.70
N ILE A 151 1.76 -14.07 -7.01
CA ILE A 151 3.08 -14.34 -7.55
C ILE A 151 3.80 -15.13 -6.45
C1 GOL B . 1.41 -9.48 -16.89
O1 GOL B . 2.28 -10.36 -16.19
C2 GOL B . 0.24 -9.14 -16.00
O2 GOL B . 0.69 -8.63 -14.73
C3 GOL B . -0.67 -8.14 -16.71
O3 GOL B . -1.81 -7.85 -15.92
#